data_4Z3F
#
_entry.id   4Z3F
#
_cell.length_a   45.110
_cell.length_b   53.380
_cell.length_c   48.820
_cell.angle_alpha   90.00
_cell.angle_beta   96.05
_cell.angle_gamma   90.00
#
_symmetry.space_group_name_H-M   'P 1 21 1'
#
loop_
_entity.id
_entity.type
_entity.pdbx_description
1 polymer 'PapG, lectin domain'
2 branched 'N-acetyl-alpha-neuraminic acid-(2-3)-beta-D-galactopyranose-(1-3)-2-acetamido-2-deoxy-beta-D-galactopyranose-(1-3)-alpha-D-galactopyranose-(1-4)-beta-D-galactopyranose-(1-4)-beta-D-glucopyranose'
3 non-polymer 'ZINC ION'
4 water water
#
_entity_poly.entity_id   1
_entity_poly.type   'polypeptide(L)'
_entity_poly.pdbx_seq_one_letter_code
;MAWNNIVFYSLGDVNSYQGGNVVITQRPQFITSWRPGIATVTWNQCNGPEFADGSWAYYREYIAWVVFPKKVMTKNGYPL
FIEVHNKGSWSEENTGDNDSYFFLKGYKWDQRAFDTANLCQKPGETTRLTEKFDDIIFKVALPADLPLGDYSVTIPYTSG
IQRHFASYLGARFKIPYNVAKTLPRENEMLFLFKNIGG
;
_entity_poly.pdbx_strand_id   A
#
# COMPACT_ATOMS: atom_id res chain seq x y z
N MET A 1 22.26 -18.87 -16.38
CA MET A 1 22.36 -18.03 -15.19
C MET A 1 20.97 -17.88 -14.54
N ALA A 2 20.92 -17.79 -13.19
CA ALA A 2 19.67 -17.62 -12.43
C ALA A 2 19.17 -16.19 -12.60
N TRP A 3 17.86 -16.02 -12.77
CA TRP A 3 17.27 -14.69 -12.96
C TRP A 3 16.11 -14.38 -11.99
N ASN A 4 15.85 -13.08 -11.79
CA ASN A 4 14.82 -12.53 -10.91
C ASN A 4 14.21 -11.28 -11.53
N ASN A 5 12.89 -11.23 -11.63
CA ASN A 5 12.15 -10.06 -12.12
C ASN A 5 11.16 -9.64 -11.03
N ILE A 6 11.17 -8.36 -10.66
CA ILE A 6 10.28 -7.87 -9.60
C ILE A 6 9.56 -6.66 -10.16
N VAL A 7 8.24 -6.66 -10.05
CA VAL A 7 7.39 -5.61 -10.59
C VAL A 7 6.41 -5.15 -9.50
N PHE A 8 6.25 -3.83 -9.32
CA PHE A 8 5.27 -3.32 -8.36
C PHE A 8 4.07 -2.71 -9.08
N TYR A 9 2.88 -3.31 -8.89
CA TYR A 9 1.59 -2.87 -9.44
C TYR A 9 0.86 -2.01 -8.42
N SER A 10 0.81 -0.71 -8.69
CA SER A 10 0.23 0.29 -7.81
C SER A 10 -1.26 0.60 -8.04
N LEU A 11 -2.06 0.52 -6.98
CA LEU A 11 -3.47 0.84 -7.04
C LEU A 11 -3.66 2.35 -6.77
N GLY A 12 -4.62 2.97 -7.45
CA GLY A 12 -4.86 4.40 -7.32
C GLY A 12 -6.34 4.77 -7.22
N ASP A 13 -6.84 4.86 -6.00
CA ASP A 13 -8.24 5.21 -5.77
C ASP A 13 -8.42 6.37 -4.81
N VAL A 14 -9.44 7.21 -5.07
CA VAL A 14 -9.80 8.37 -4.26
C VAL A 14 -11.07 8.00 -3.49
N ASN A 15 -11.06 8.16 -2.18
CA ASN A 15 -12.24 7.87 -1.37
C ASN A 15 -12.37 8.82 -0.16
N SER A 16 -13.57 8.94 0.38
CA SER A 16 -13.87 9.80 1.51
C SER A 16 -14.31 9.01 2.72
N TYR A 17 -14.10 9.57 3.90
CA TYR A 17 -14.50 8.94 5.15
C TYR A 17 -14.86 10.00 6.17
N GLN A 18 -16.09 9.91 6.67
CA GLN A 18 -16.69 10.78 7.66
C GLN A 18 -16.38 10.31 9.09
N GLY A 19 -15.58 11.10 9.80
CA GLY A 19 -15.22 10.84 11.19
C GLY A 19 -16.18 11.46 12.19
N GLY A 20 -17.04 12.36 11.73
CA GLY A 20 -18.06 13.06 12.51
C GLY A 20 -17.60 14.19 13.43
N ASN A 21 -18.45 14.54 14.42
CA ASN A 21 -18.18 15.60 15.40
C ASN A 21 -17.36 15.03 16.55
N VAL A 22 -16.18 15.62 16.78
CA VAL A 22 -15.25 15.13 17.79
C VAL A 22 -14.67 16.25 18.62
N VAL A 23 -14.27 15.92 19.85
CA VAL A 23 -13.54 16.85 20.72
C VAL A 23 -12.08 16.36 20.64
N ILE A 24 -11.11 17.25 20.96
CA ILE A 24 -9.67 16.93 20.85
C ILE A 24 -9.17 15.77 21.72
N THR A 25 -10.00 15.34 22.69
CA THR A 25 -9.66 14.23 23.58
C THR A 25 -10.15 12.91 22.96
N GLN A 26 -10.77 12.96 21.78
CA GLN A 26 -11.27 11.74 21.12
C GLN A 26 -10.41 11.35 19.89
N ARG A 27 -10.48 10.07 19.46
CA ARG A 27 -9.69 9.56 18.33
C ARG A 27 -10.63 9.08 17.23
N PRO A 28 -11.07 9.96 16.31
CA PRO A 28 -11.95 9.49 15.21
C PRO A 28 -11.23 8.45 14.34
N GLN A 29 -11.96 7.44 13.88
CA GLN A 29 -11.37 6.40 13.05
C GLN A 29 -11.73 6.57 11.58
N PHE A 30 -10.99 5.88 10.73
CA PHE A 30 -11.23 5.74 9.31
C PHE A 30 -10.77 4.37 8.87
N ILE A 31 -11.43 3.81 7.87
CA ILE A 31 -11.13 2.47 7.36
C ILE A 31 -10.57 2.60 5.94
N THR A 32 -9.43 1.97 5.73
CA THR A 32 -8.73 1.88 4.46
C THR A 32 -9.07 0.51 3.95
N SER A 33 -9.89 0.46 2.88
N SER A 33 -9.88 0.47 2.88
N SER A 33 -9.87 0.47 2.87
CA SER A 33 -10.31 -0.78 2.24
CA SER A 33 -10.33 -0.77 2.23
CA SER A 33 -10.36 -0.74 2.21
C SER A 33 -9.47 -1.07 1.01
C SER A 33 -9.50 -1.07 0.99
C SER A 33 -9.51 -1.07 0.97
N TRP A 34 -9.11 -2.34 0.81
CA TRP A 34 -8.33 -2.79 -0.35
C TRP A 34 -9.33 -2.97 -1.49
N ARG A 35 -9.29 -2.04 -2.44
CA ARG A 35 -10.20 -2.00 -3.57
C ARG A 35 -9.54 -2.53 -4.84
N PRO A 36 -10.07 -3.62 -5.39
CA PRO A 36 -9.54 -4.14 -6.65
C PRO A 36 -9.95 -3.18 -7.77
N GLY A 37 -9.09 -3.02 -8.75
CA GLY A 37 -9.30 -2.07 -9.85
C GLY A 37 -8.11 -2.05 -10.78
N ILE A 38 -7.95 -0.96 -11.54
CA ILE A 38 -6.80 -0.84 -12.45
C ILE A 38 -5.54 -0.44 -11.66
N ALA A 39 -4.46 -1.24 -11.83
CA ALA A 39 -3.16 -0.98 -11.22
C ALA A 39 -2.19 -0.49 -12.28
N THR A 40 -1.23 0.37 -11.87
CA THR A 40 -0.21 0.89 -12.78
C THR A 40 1.16 0.44 -12.24
N VAL A 41 2.09 -0.01 -13.12
CA VAL A 41 3.43 -0.36 -12.67
C VAL A 41 4.13 0.95 -12.30
N THR A 42 4.69 1.05 -11.10
CA THR A 42 5.44 2.27 -10.71
C THR A 42 6.90 1.99 -10.39
N TRP A 43 7.32 0.70 -10.42
CA TRP A 43 8.69 0.28 -10.12
C TRP A 43 8.89 -1.15 -10.58
N ASN A 44 10.10 -1.44 -11.05
CA ASN A 44 10.55 -2.77 -11.44
C ASN A 44 12.05 -2.89 -11.30
N GLN A 45 12.53 -4.12 -11.26
CA GLN A 45 13.95 -4.46 -11.21
C GLN A 45 14.00 -5.84 -11.83
N CYS A 46 14.58 -5.96 -13.04
CA CYS A 46 14.58 -7.23 -13.79
C CYS A 46 15.90 -7.55 -14.48
N ASN A 47 16.27 -8.85 -14.50
CA ASN A 47 17.43 -9.35 -15.25
C ASN A 47 17.06 -10.63 -16.09
N GLY A 48 15.76 -10.97 -16.11
CA GLY A 48 15.29 -12.16 -16.82
C GLY A 48 14.43 -11.90 -18.03
N PRO A 49 13.85 -12.96 -18.64
CA PRO A 49 12.94 -12.74 -19.80
C PRO A 49 11.74 -11.86 -19.43
N GLU A 50 11.35 -10.97 -20.34
CA GLU A 50 10.20 -10.10 -20.17
C GLU A 50 8.89 -10.88 -20.46
N PHE A 51 8.98 -12.02 -21.16
CA PHE A 51 7.79 -12.78 -21.54
C PHE A 51 8.00 -14.28 -21.41
N ALA A 52 7.04 -14.98 -20.77
CA ALA A 52 7.01 -16.45 -20.67
C ALA A 52 6.01 -16.89 -21.73
N ASP A 53 6.50 -17.61 -22.77
CA ASP A 53 5.65 -18.07 -23.88
C ASP A 53 4.81 -19.32 -23.59
N GLY A 54 5.01 -19.93 -22.42
CA GLY A 54 4.26 -21.11 -22.02
C GLY A 54 5.03 -22.41 -22.12
N SER A 55 6.20 -22.40 -22.76
CA SER A 55 7.02 -23.59 -22.98
C SER A 55 8.04 -23.92 -21.88
N TRP A 56 8.30 -22.97 -20.94
CA TRP A 56 9.29 -23.13 -19.87
C TRP A 56 8.77 -22.63 -18.51
N ALA A 57 9.32 -23.21 -17.43
CA ALA A 57 8.90 -22.93 -16.06
C ALA A 57 9.57 -21.74 -15.39
N TYR A 58 8.80 -21.06 -14.53
CA TYR A 58 9.29 -19.97 -13.69
C TYR A 58 8.59 -20.15 -12.33
N TYR A 59 9.06 -19.43 -11.31
CA TYR A 59 8.53 -19.51 -9.94
C TYR A 59 7.97 -18.16 -9.49
N ARG A 60 6.77 -18.17 -8.87
CA ARG A 60 6.08 -16.96 -8.41
C ARG A 60 6.21 -16.73 -6.89
N GLU A 61 6.36 -15.46 -6.51
CA GLU A 61 6.37 -14.95 -5.15
C GLU A 61 5.62 -13.61 -5.20
N TYR A 62 4.44 -13.55 -4.56
CA TYR A 62 3.60 -12.34 -4.54
C TYR A 62 3.49 -11.80 -3.11
N ILE A 63 3.59 -10.46 -2.96
CA ILE A 63 3.53 -9.77 -1.68
C ILE A 63 2.72 -8.50 -1.88
N ALA A 64 1.64 -8.37 -1.10
CA ALA A 64 0.79 -7.17 -1.13
C ALA A 64 1.46 -6.19 -0.16
N TRP A 65 1.39 -4.88 -0.49
CA TRP A 65 1.95 -3.81 0.33
C TRP A 65 0.92 -2.67 0.52
N VAL A 66 0.95 -2.08 1.71
CA VAL A 66 0.31 -0.82 2.11
C VAL A 66 1.41 0.01 2.83
N VAL A 67 1.69 1.21 2.30
CA VAL A 67 2.68 2.15 2.88
C VAL A 67 1.90 3.41 3.21
N PHE A 68 1.68 3.62 4.54
CA PHE A 68 0.80 4.65 5.07
C PHE A 68 1.50 5.70 5.92
N PRO A 69 1.21 7.03 5.73
CA PRO A 69 1.88 8.04 6.58
C PRO A 69 1.51 7.94 8.07
N LYS A 70 2.49 8.21 8.97
CA LYS A 70 2.26 8.22 10.44
C LYS A 70 1.74 9.60 10.87
N LYS A 71 1.94 10.61 10.03
CA LYS A 71 1.54 11.98 10.34
C LYS A 71 1.22 12.72 9.07
N VAL A 72 0.20 13.61 9.14
CA VAL A 72 -0.25 14.46 8.02
C VAL A 72 -0.52 15.88 8.51
N MET A 73 -0.30 16.87 7.64
CA MET A 73 -0.52 18.27 7.98
C MET A 73 -1.82 18.79 7.40
N THR A 74 -2.60 19.51 8.22
CA THR A 74 -3.86 20.11 7.77
C THR A 74 -3.50 21.33 6.90
N LYS A 75 -4.46 21.85 6.10
CA LYS A 75 -4.25 23.05 5.27
C LYS A 75 -3.87 24.25 6.14
N ASN A 76 -4.52 24.40 7.33
CA ASN A 76 -4.26 25.47 8.29
C ASN A 76 -2.96 25.29 9.15
N GLY A 77 -2.16 24.26 8.84
CA GLY A 77 -0.84 24.03 9.44
C GLY A 77 -0.70 23.26 10.73
N TYR A 78 -1.58 22.27 10.99
CA TYR A 78 -1.50 21.48 12.23
C TYR A 78 -1.26 19.99 11.97
N PRO A 79 -0.49 19.28 12.84
CA PRO A 79 -0.28 17.83 12.62
C PRO A 79 -1.41 16.94 13.13
N LEU A 80 -1.75 15.92 12.35
CA LEU A 80 -2.69 14.87 12.74
C LEU A 80 -1.85 13.60 12.82
N PHE A 81 -2.00 12.83 13.91
CA PHE A 81 -1.21 11.62 14.17
C PHE A 81 -2.01 10.37 13.85
N ILE A 82 -1.54 9.60 12.86
CA ILE A 82 -2.19 8.38 12.37
C ILE A 82 -1.67 7.17 13.14
N GLU A 83 -2.59 6.46 13.80
CA GLU A 83 -2.28 5.32 14.65
C GLU A 83 -3.05 4.10 14.17
N VAL A 84 -2.52 2.89 14.41
CA VAL A 84 -3.17 1.64 14.00
C VAL A 84 -4.22 1.23 15.02
N HIS A 85 -5.46 1.00 14.57
CA HIS A 85 -6.51 0.53 15.48
C HIS A 85 -6.72 -0.97 15.28
N ASN A 86 -6.80 -1.40 14.00
CA ASN A 86 -7.02 -2.80 13.63
C ASN A 86 -6.40 -3.11 12.26
N LYS A 87 -5.27 -3.84 12.28
CA LYS A 87 -4.56 -4.20 11.05
C LYS A 87 -4.82 -5.63 10.55
N GLY A 88 -5.85 -6.29 11.09
CA GLY A 88 -6.22 -7.65 10.72
C GLY A 88 -5.04 -8.61 10.73
N SER A 89 -4.81 -9.32 9.62
CA SER A 89 -3.69 -10.27 9.52
C SER A 89 -2.46 -9.72 8.77
N TRP A 90 -2.44 -8.39 8.44
CA TRP A 90 -1.31 -7.72 7.82
C TRP A 90 -0.07 -7.83 8.73
N SER A 91 1.12 -7.90 8.11
CA SER A 91 2.40 -7.93 8.83
C SER A 91 2.91 -6.50 8.87
N GLU A 92 2.90 -5.93 10.07
CA GLU A 92 3.36 -4.57 10.33
C GLU A 92 4.86 -4.66 10.57
N GLU A 93 5.64 -4.07 9.65
CA GLU A 93 7.10 -4.20 9.63
C GLU A 93 7.83 -2.87 9.62
N ASN A 94 9.17 -2.91 9.89
CA ASN A 94 10.05 -1.75 9.92
C ASN A 94 9.44 -0.69 10.82
N THR A 95 8.98 -1.12 12.02
CA THR A 95 8.24 -0.30 12.97
C THR A 95 8.97 0.93 13.50
N GLY A 96 10.31 0.90 13.45
CA GLY A 96 11.16 1.99 13.90
C GLY A 96 11.15 3.21 12.98
N ASP A 97 10.62 3.07 11.73
CA ASP A 97 10.56 4.18 10.78
C ASP A 97 9.69 5.32 11.35
N ASN A 98 10.23 6.55 11.30
CA ASN A 98 9.64 7.77 11.86
C ASN A 98 8.44 8.30 11.09
N ASP A 99 8.40 8.04 9.78
CA ASP A 99 7.44 8.69 8.90
C ASP A 99 6.34 7.85 8.32
N SER A 100 6.55 6.53 8.15
CA SER A 100 5.56 5.68 7.47
C SER A 100 5.41 4.30 8.10
N TYR A 101 4.18 3.74 7.99
CA TYR A 101 3.86 2.37 8.38
C TYR A 101 4.12 1.50 7.12
N PHE A 102 4.51 0.23 7.32
CA PHE A 102 4.73 -0.72 6.22
C PHE A 102 3.95 -1.98 6.58
N PHE A 103 2.89 -2.26 5.82
CA PHE A 103 2.02 -3.40 6.04
C PHE A 103 2.23 -4.35 4.85
N LEU A 104 2.57 -5.62 5.14
CA LEU A 104 2.84 -6.59 4.08
C LEU A 104 2.04 -7.88 4.27
N LYS A 105 1.71 -8.52 3.17
CA LYS A 105 1.06 -9.83 3.21
C LYS A 105 1.65 -10.66 2.07
N GLY A 106 2.51 -11.60 2.44
CA GLY A 106 3.17 -12.57 1.56
C GLY A 106 2.26 -13.77 1.46
N TYR A 107 1.55 -13.89 0.35
CA TYR A 107 0.51 -14.92 0.17
C TYR A 107 0.77 -16.00 -0.89
N LYS A 108 1.88 -15.89 -1.62
CA LYS A 108 2.28 -16.86 -2.63
C LYS A 108 3.83 -16.92 -2.74
N TRP A 109 4.41 -18.12 -2.71
CA TRP A 109 5.87 -18.32 -2.78
C TRP A 109 6.16 -19.73 -3.28
N ASP A 110 7.32 -19.91 -3.94
CA ASP A 110 7.84 -21.19 -4.44
C ASP A 110 6.89 -21.91 -5.39
N GLN A 111 6.01 -21.15 -6.08
CA GLN A 111 5.02 -21.73 -6.96
C GLN A 111 5.48 -21.83 -8.41
N ARG A 112 5.77 -23.06 -8.86
CA ARG A 112 6.22 -23.37 -10.23
C ARG A 112 5.07 -23.22 -11.21
N ALA A 113 5.31 -22.51 -12.32
CA ALA A 113 4.25 -22.29 -13.32
C ALA A 113 4.79 -22.24 -14.74
N PHE A 114 3.91 -22.53 -15.72
CA PHE A 114 4.22 -22.48 -17.16
C PHE A 114 3.35 -21.46 -17.88
N ASP A 115 2.29 -20.95 -17.22
CA ASP A 115 1.32 -20.01 -17.79
C ASP A 115 2.00 -18.86 -18.55
N THR A 116 1.58 -18.63 -19.81
CA THR A 116 2.10 -17.50 -20.59
C THR A 116 1.81 -16.24 -19.75
N ALA A 117 2.84 -15.39 -19.60
CA ALA A 117 2.73 -14.19 -18.74
C ALA A 117 3.74 -13.10 -19.10
N ASN A 118 3.39 -11.84 -18.80
CA ASN A 118 4.29 -10.69 -18.93
C ASN A 118 5.03 -10.65 -17.59
N LEU A 119 6.32 -11.05 -17.63
CA LEU A 119 7.18 -11.20 -16.46
C LEU A 119 7.95 -9.96 -16.01
N CYS A 120 7.97 -8.90 -16.84
CA CYS A 120 8.59 -7.64 -16.45
C CYS A 120 7.93 -6.41 -17.07
N GLN A 121 6.68 -6.14 -16.70
CA GLN A 121 5.97 -4.96 -17.19
C GLN A 121 6.67 -3.67 -16.73
N LYS A 122 6.63 -2.66 -17.59
CA LYS A 122 7.38 -1.41 -17.46
C LYS A 122 6.57 -0.32 -16.74
N PRO A 123 7.26 0.65 -16.11
CA PRO A 123 6.52 1.75 -15.45
C PRO A 123 5.55 2.43 -16.41
N GLY A 124 4.31 2.61 -15.98
CA GLY A 124 3.27 3.22 -16.81
C GLY A 124 2.33 2.20 -17.42
N GLU A 125 2.73 0.91 -17.48
CA GLU A 125 1.82 -0.12 -18.01
C GLU A 125 0.73 -0.38 -16.98
N THR A 126 -0.47 -0.77 -17.45
CA THR A 126 -1.61 -1.03 -16.59
C THR A 126 -2.17 -2.44 -16.74
N THR A 127 -2.87 -2.90 -15.69
CA THR A 127 -3.55 -4.19 -15.61
C THR A 127 -4.65 -4.14 -14.52
N ARG A 128 -5.67 -4.99 -14.64
CA ARG A 128 -6.73 -5.06 -13.63
C ARG A 128 -6.29 -6.02 -12.51
N LEU A 129 -6.40 -5.58 -11.24
CA LEU A 129 -6.05 -6.43 -10.08
C LEU A 129 -7.35 -6.70 -9.35
N THR A 130 -7.65 -7.98 -9.06
CA THR A 130 -8.90 -8.35 -8.37
C THR A 130 -8.68 -9.02 -7.02
N GLU A 131 -7.43 -9.12 -6.61
CA GLU A 131 -7.06 -9.68 -5.30
C GLU A 131 -7.72 -8.85 -4.18
N LYS A 132 -8.07 -9.52 -3.07
CA LYS A 132 -8.67 -8.90 -1.91
C LYS A 132 -7.84 -9.21 -0.68
N PHE A 133 -7.67 -8.20 0.17
CA PHE A 133 -6.94 -8.27 1.44
C PHE A 133 -7.76 -7.54 2.55
N ASP A 134 -7.37 -7.77 3.81
CA ASP A 134 -7.95 -7.14 5.00
C ASP A 134 -8.02 -5.63 4.94
N ASP A 135 -9.06 -5.09 5.58
CA ASP A 135 -9.23 -3.67 5.80
C ASP A 135 -8.15 -3.29 6.83
N ILE A 136 -7.77 -2.02 6.87
CA ILE A 136 -6.86 -1.54 7.92
C ILE A 136 -7.60 -0.39 8.57
N ILE A 137 -7.88 -0.50 9.89
CA ILE A 137 -8.62 0.55 10.57
C ILE A 137 -7.60 1.40 11.31
N PHE A 138 -7.61 2.70 11.05
CA PHE A 138 -6.72 3.64 11.72
C PHE A 138 -7.51 4.55 12.71
N LYS A 139 -6.82 5.18 13.64
CA LYS A 139 -7.43 6.15 14.55
C LYS A 139 -6.54 7.40 14.52
N VAL A 140 -7.16 8.59 14.57
CA VAL A 140 -6.42 9.87 14.46
C VAL A 140 -6.43 10.65 15.78
N ALA A 141 -5.22 11.00 16.27
CA ALA A 141 -5.04 11.81 17.46
C ALA A 141 -4.89 13.27 17.00
N LEU A 142 -5.82 14.11 17.45
CA LEU A 142 -5.87 15.53 17.12
C LEU A 142 -5.06 16.30 18.14
N PRO A 143 -4.27 17.32 17.74
CA PRO A 143 -3.48 18.07 18.75
C PRO A 143 -4.42 18.93 19.60
N ALA A 144 -4.13 19.05 20.91
CA ALA A 144 -4.99 19.79 21.85
C ALA A 144 -5.27 21.25 21.47
N ASP A 145 -4.40 21.84 20.63
CA ASP A 145 -4.55 23.21 20.18
C ASP A 145 -5.16 23.32 18.76
N LEU A 146 -5.69 22.20 18.21
CA LEU A 146 -6.32 22.23 16.88
C LEU A 146 -7.47 23.26 16.88
N PRO A 147 -7.48 24.26 15.97
CA PRO A 147 -8.60 25.23 15.95
C PRO A 147 -9.96 24.55 15.69
N LEU A 148 -11.04 25.09 16.27
CA LEU A 148 -12.40 24.54 16.09
C LEU A 148 -12.89 24.78 14.67
N GLY A 149 -13.62 23.83 14.13
CA GLY A 149 -14.23 23.96 12.82
C GLY A 149 -14.21 22.70 11.98
N ASP A 150 -14.59 22.85 10.71
CA ASP A 150 -14.66 21.75 9.75
C ASP A 150 -13.32 21.49 9.08
N TYR A 151 -12.94 20.21 9.04
CA TYR A 151 -11.70 19.73 8.41
C TYR A 151 -11.96 18.75 7.32
N SER A 152 -11.21 18.92 6.22
CA SER A 152 -11.24 18.08 5.04
C SER A 152 -9.75 17.82 4.72
N VAL A 153 -9.26 16.63 5.09
CA VAL A 153 -7.83 16.32 5.00
C VAL A 153 -7.54 15.22 3.97
N THR A 154 -6.70 15.52 2.98
CA THR A 154 -6.26 14.54 1.97
C THR A 154 -5.13 13.73 2.60
N ILE A 155 -5.26 12.39 2.59
CA ILE A 155 -4.22 11.50 3.13
C ILE A 155 -3.75 10.61 1.97
N PRO A 156 -2.62 10.95 1.30
CA PRO A 156 -2.13 10.08 0.23
C PRO A 156 -1.41 8.88 0.82
N TYR A 157 -1.53 7.75 0.15
CA TYR A 157 -0.87 6.50 0.54
C TYR A 157 -0.59 5.57 -0.62
N THR A 158 0.24 4.54 -0.40
CA THR A 158 0.57 3.57 -1.43
C THR A 158 -0.04 2.23 -1.09
N SER A 159 -0.50 1.51 -2.10
CA SER A 159 -0.96 0.13 -2.00
C SER A 159 -0.74 -0.56 -3.33
N GLY A 160 -0.51 -1.86 -3.27
CA GLY A 160 -0.33 -2.64 -4.47
C GLY A 160 0.33 -3.96 -4.22
N ILE A 161 0.63 -4.66 -5.33
CA ILE A 161 1.21 -5.99 -5.29
C ILE A 161 2.57 -6.04 -5.95
N GLN A 162 3.53 -6.59 -5.20
CA GLN A 162 4.86 -6.88 -5.67
C GLN A 162 4.79 -8.31 -6.18
N ARG A 163 5.08 -8.51 -7.49
CA ARG A 163 5.15 -9.84 -8.12
C ARG A 163 6.64 -10.12 -8.44
N HIS A 164 7.17 -11.22 -7.89
CA HIS A 164 8.54 -11.65 -8.09
C HIS A 164 8.57 -12.99 -8.84
N PHE A 165 9.07 -12.95 -10.09
CA PHE A 165 9.22 -14.11 -10.96
C PHE A 165 10.69 -14.52 -10.96
N ALA A 166 10.96 -15.82 -10.72
CA ALA A 166 12.34 -16.31 -10.70
C ALA A 166 12.50 -17.62 -11.45
N SER A 167 13.74 -17.95 -11.82
CA SER A 167 14.08 -19.17 -12.58
C SER A 167 14.26 -20.38 -11.66
N TYR A 168 14.32 -20.15 -10.35
CA TYR A 168 14.65 -21.18 -9.39
C TYR A 168 13.71 -21.30 -8.19
N LEU A 169 13.68 -22.50 -7.59
CA LEU A 169 12.90 -22.80 -6.40
C LEU A 169 13.62 -22.22 -5.17
N GLY A 170 12.85 -21.61 -4.26
CA GLY A 170 13.38 -21.04 -3.03
C GLY A 170 13.73 -19.57 -3.16
N ALA A 171 13.31 -18.94 -4.27
CA ALA A 171 13.58 -17.53 -4.52
C ALA A 171 12.80 -16.64 -3.57
N ARG A 172 13.50 -15.63 -3.00
CA ARG A 172 12.93 -14.65 -2.07
C ARG A 172 13.42 -13.26 -2.37
N PHE A 173 12.49 -12.31 -2.50
CA PHE A 173 12.86 -10.91 -2.67
C PHE A 173 11.78 -10.03 -2.09
N LYS A 174 12.20 -9.03 -1.31
CA LYS A 174 11.29 -8.04 -0.76
C LYS A 174 11.79 -6.69 -1.22
N ILE A 175 10.90 -5.85 -1.78
CA ILE A 175 11.23 -4.49 -2.17
C ILE A 175 11.84 -3.84 -0.91
N PRO A 176 13.07 -3.26 -0.98
CA PRO A 176 13.66 -2.67 0.26
C PRO A 176 12.74 -1.61 0.84
N TYR A 177 12.64 -1.54 2.19
CA TYR A 177 11.80 -0.53 2.84
C TYR A 177 12.09 0.91 2.38
N ASN A 178 13.39 1.26 2.14
CA ASN A 178 13.76 2.61 1.68
C ASN A 178 13.19 2.94 0.28
N VAL A 179 12.94 1.90 -0.54
CA VAL A 179 12.32 2.02 -1.86
C VAL A 179 10.79 2.07 -1.68
N ALA A 180 10.23 1.12 -0.90
CA ALA A 180 8.78 1.10 -0.64
C ALA A 180 8.26 2.44 -0.14
N LYS A 181 9.03 3.11 0.76
CA LYS A 181 8.72 4.39 1.39
C LYS A 181 8.57 5.51 0.35
N THR A 182 9.30 5.38 -0.78
CA THR A 182 9.29 6.40 -1.85
C THR A 182 8.47 6.06 -3.10
N LEU A 183 7.78 4.90 -3.10
CA LEU A 183 6.87 4.52 -4.20
C LEU A 183 5.76 5.59 -4.30
N PRO A 184 5.37 6.05 -5.51
CA PRO A 184 4.30 7.08 -5.58
C PRO A 184 3.06 6.73 -4.76
N ARG A 185 2.51 7.71 -4.04
CA ARG A 185 1.30 7.50 -3.23
C ARG A 185 0.11 7.82 -4.13
N GLU A 186 -0.42 6.81 -4.82
CA GLU A 186 -1.51 7.00 -5.80
C GLU A 186 -2.91 6.94 -5.22
N ASN A 187 -3.07 6.41 -4.02
CA ASN A 187 -4.37 6.39 -3.35
C ASN A 187 -4.53 7.66 -2.51
N GLU A 188 -5.77 8.07 -2.30
CA GLU A 188 -6.10 9.22 -1.45
C GLU A 188 -7.30 8.93 -0.59
N MET A 189 -7.17 9.18 0.71
CA MET A 189 -8.27 9.07 1.66
C MET A 189 -8.56 10.51 2.08
N LEU A 190 -9.76 11.00 1.76
CA LEU A 190 -10.17 12.34 2.14
C LEU A 190 -10.91 12.21 3.48
N PHE A 191 -10.20 12.49 4.58
CA PHE A 191 -10.69 12.41 5.95
C PHE A 191 -11.47 13.66 6.38
N LEU A 192 -12.75 13.48 6.75
CA LEU A 192 -13.67 14.56 7.13
C LEU A 192 -14.02 14.45 8.61
N PHE A 193 -14.07 15.59 9.30
CA PHE A 193 -14.42 15.67 10.73
C PHE A 193 -14.60 17.12 11.14
N LYS A 194 -15.37 17.34 12.21
CA LYS A 194 -15.63 18.66 12.77
C LYS A 194 -15.09 18.72 14.19
N ASN A 195 -14.14 19.62 14.43
CA ASN A 195 -13.59 19.79 15.76
C ASN A 195 -14.57 20.71 16.55
N ILE A 196 -15.29 20.12 17.52
CA ILE A 196 -16.29 20.82 18.35
C ILE A 196 -15.77 21.21 19.77
N GLY A 197 -16.57 21.96 20.51
CA GLY A 197 -16.25 22.38 21.87
C GLY A 197 -17.28 21.94 22.89
#